data_9FTM
#
_entry.id   9FTM
#
_cell.length_a   1.00
_cell.length_b   1.00
_cell.length_c   1.00
_cell.angle_alpha   90.00
_cell.angle_beta   90.00
_cell.angle_gamma   90.00
#
_symmetry.space_group_name_H-M   'P 1'
#
_entity_poly.entity_id   1
_entity_poly.type   'polypeptide(L)'
_entity_poly.pdbx_seq_one_letter_code
;MVKNWLFGKKRKEDADALATLKGQQNRLQAEARNLERQSDEQKILASKMLKAGNKAGARQALKRRAVFMKRLNTVHNTAM
NLQAQIDSIQTATSTAETVKAMELGTKVVGEKIKTVSPERTERVMDSVMEQRDQIEMMTEALSDPSLSEGILDFEDDAAI
DEQLAQLEAEMDLGTTTSLPDVSGLPSTPVGTGEKEEDTSELEAELEGLKKKMSEDKQ
;
_entity_poly.pdbx_strand_id   D,G,A,H,I,K,F,B
#
# COMPACT_ATOMS: atom_id res chain seq x y z
N VAL A 128 -15.43 11.60 17.12
CA VAL A 128 -15.62 10.95 15.84
C VAL A 128 -14.74 11.61 14.78
N MET A 129 -15.10 12.85 14.42
CA MET A 129 -14.32 13.57 13.41
C MET A 129 -12.87 13.70 13.83
N GLU A 130 -12.62 14.02 15.10
CA GLU A 130 -11.24 14.18 15.56
C GLU A 130 -10.45 12.91 15.35
N GLN A 131 -11.09 11.74 15.47
CA GLN A 131 -10.40 10.49 15.19
C GLN A 131 -9.90 10.46 13.75
N ARG A 132 -10.77 10.81 12.82
CA ARG A 132 -10.40 10.82 11.41
C ARG A 132 -9.27 11.82 11.15
N ASP A 133 -9.38 13.01 11.75
CA ASP A 133 -8.37 14.03 11.54
C ASP A 133 -7.01 13.58 12.10
N GLN A 134 -7.01 12.98 13.29
CA GLN A 134 -5.74 12.58 13.88
C GLN A 134 -5.12 11.41 13.13
N ILE A 135 -5.94 10.45 12.66
CA ILE A 135 -5.37 9.38 11.85
C ILE A 135 -4.80 9.95 10.56
N GLU A 136 -5.48 10.93 9.96
CA GLU A 136 -4.95 11.55 8.75
C GLU A 136 -3.64 12.26 9.03
N MET A 137 -3.56 12.99 10.14
CA MET A 137 -2.33 13.69 10.49
C MET A 137 -1.20 12.69 10.72
N MET A 138 -1.47 11.61 11.42
CA MET A 138 -0.45 10.60 11.67
C MET A 138 0.00 9.94 10.36
N THR A 139 -0.95 9.70 9.45
CA THR A 139 -0.60 9.09 8.17
C THR A 139 0.30 10.01 7.36
N GLU A 140 -0.03 11.30 7.30
CA GLU A 140 0.81 12.22 6.55
C GLU A 140 2.18 12.36 7.21
N ALA A 141 2.22 12.38 8.54
CA ALA A 141 3.51 12.46 9.22
C ALA A 141 4.37 11.24 8.95
N LEU A 142 3.76 10.04 9.00
CA LEU A 142 4.51 8.81 8.83
C LEU A 142 4.68 8.41 7.36
N SER A 143 3.94 9.03 6.45
CA SER A 143 4.04 8.70 5.03
C SER A 143 5.23 9.36 4.35
N ASP A 144 6.17 9.90 5.12
CA ASP A 144 7.33 10.57 4.56
C ASP A 144 8.12 9.60 3.67
N PRO A 145 8.46 9.99 2.43
CA PRO A 145 9.44 9.19 1.69
C PRO A 145 10.80 9.16 2.35
N SER A 146 11.06 10.05 3.31
CA SER A 146 12.33 10.03 4.02
C SER A 146 12.57 8.68 4.68
N LEU A 147 11.52 7.95 5.01
CA LEU A 147 11.72 6.56 5.41
C LEU A 147 12.46 5.79 4.33
N SER A 148 12.29 6.19 3.08
CA SER A 148 12.90 5.51 1.94
C SER A 148 13.85 6.46 1.21
N GLU A 149 14.29 6.06 0.02
CA GLU A 149 15.27 6.83 -0.73
C GLU A 149 14.94 8.32 -0.70
N GLY A 150 13.77 8.70 -1.18
CA GLY A 150 13.28 10.06 -1.03
C GLY A 150 13.87 11.08 -1.98
N ILE A 151 15.03 10.79 -2.56
CA ILE A 151 15.66 11.75 -3.47
C ILE A 151 14.87 11.82 -4.78
N ASP A 156 21.08 7.72 -13.08
CA ASP A 156 21.52 8.66 -14.09
C ASP A 156 21.02 8.19 -15.44
N ASP A 157 20.26 9.04 -16.13
CA ASP A 157 19.79 8.69 -17.46
C ASP A 157 20.96 8.44 -18.40
N ALA A 158 22.04 9.21 -18.25
CA ALA A 158 23.24 8.95 -19.03
C ALA A 158 23.81 7.58 -18.72
N ALA A 159 23.87 7.21 -17.44
CA ALA A 159 24.35 5.88 -17.07
C ALA A 159 23.40 4.80 -17.59
N ILE A 160 22.10 5.07 -17.57
CA ILE A 160 21.13 4.14 -18.12
C ILE A 160 21.42 3.90 -19.59
N ASP A 161 21.65 4.97 -20.35
CA ASP A 161 21.96 4.84 -21.77
C ASP A 161 23.27 4.11 -21.99
N GLU A 162 24.28 4.38 -21.15
CA GLU A 162 25.57 3.71 -21.31
C GLU A 162 25.44 2.21 -21.06
N GLN A 163 24.70 1.81 -20.01
CA GLN A 163 24.51 0.38 -19.77
C GLN A 163 23.69 -0.25 -20.88
N LEU A 164 22.69 0.48 -21.40
CA LEU A 164 21.93 -0.02 -22.53
C LEU A 164 22.84 -0.26 -23.73
N ALA B 17 2.28 -6.08 18.41
CA ALA B 17 2.54 -5.13 17.34
C ALA B 17 3.15 -5.84 16.13
N LEU B 18 4.14 -6.70 16.38
CA LEU B 18 4.75 -7.43 15.27
C LEU B 18 3.72 -8.31 14.57
N ALA B 19 2.89 -9.01 15.34
CA ALA B 19 1.90 -9.90 14.74
C ALA B 19 0.88 -9.12 13.91
N THR B 20 0.44 -7.97 14.40
CA THR B 20 -0.51 -7.18 13.63
C THR B 20 0.14 -6.59 12.39
N LEU B 21 1.43 -6.25 12.45
CA LEU B 21 2.14 -5.87 11.24
C LEU B 21 2.15 -7.01 10.23
N LYS B 22 2.42 -8.24 10.69
CA LYS B 22 2.42 -9.37 9.78
C LYS B 22 1.03 -9.57 9.17
N GLY B 23 -0.02 -9.47 9.99
CA GLY B 23 -1.37 -9.64 9.48
C GLY B 23 -1.75 -8.55 8.49
N GLN B 24 -1.39 -7.30 8.79
CA GLN B 24 -1.64 -6.22 7.84
C GLN B 24 -0.88 -6.45 6.55
N GLN B 25 0.34 -7.00 6.64
CA GLN B 25 1.09 -7.31 5.44
C GLN B 25 0.37 -8.36 4.61
N ASN B 26 -0.16 -9.40 5.27
CA ASN B 26 -0.88 -10.43 4.53
C ASN B 26 -2.13 -9.85 3.88
N ARG B 27 -2.86 -9.01 4.61
CA ARG B 27 -4.03 -8.34 4.03
C ARG B 27 -3.62 -7.51 2.83
N LEU B 28 -2.54 -6.74 2.97
CA LEU B 28 -2.09 -5.85 1.91
C LEU B 28 -1.69 -6.65 0.68
N GLN B 29 -1.01 -7.78 0.90
CA GLN B 29 -0.59 -8.63 -0.21
C GLN B 29 -1.80 -9.26 -0.91
N ALA B 30 -2.80 -9.69 -0.14
CA ALA B 30 -4.00 -10.25 -0.76
C ALA B 30 -4.72 -9.19 -1.58
N GLU B 31 -4.83 -7.97 -1.03
CA GLU B 31 -5.44 -6.88 -1.78
C GLU B 31 -4.66 -6.62 -3.07
N ALA B 32 -3.33 -6.64 -2.99
CA ALA B 32 -2.53 -6.48 -4.19
C ALA B 32 -2.86 -7.57 -5.19
N ARG B 33 -2.75 -8.83 -4.77
CA ARG B 33 -3.00 -9.95 -5.68
C ARG B 33 -4.31 -9.77 -6.41
N ASN B 34 -5.37 -9.46 -5.66
CA ASN B 34 -6.65 -9.16 -6.29
C ASN B 34 -6.51 -8.03 -7.30
N LEU B 35 -5.75 -7.00 -6.95
CA LEU B 35 -5.64 -5.85 -7.84
C LEU B 35 -4.99 -6.22 -9.17
N GLU B 36 -3.82 -6.86 -9.14
CA GLU B 36 -3.19 -7.12 -10.44
C GLU B 36 -3.92 -8.21 -11.20
N ARG B 37 -4.56 -9.16 -10.50
CA ARG B 37 -5.38 -10.11 -11.23
C ARG B 37 -6.50 -9.39 -11.97
N GLN B 38 -7.27 -8.56 -11.25
CA GLN B 38 -8.31 -7.76 -11.87
C GLN B 38 -7.74 -6.96 -13.03
N SER B 39 -6.58 -6.34 -12.83
CA SER B 39 -5.99 -5.53 -13.88
C SER B 39 -5.68 -6.36 -15.11
N ASP B 40 -5.24 -7.61 -14.91
CA ASP B 40 -5.03 -8.51 -16.04
C ASP B 40 -6.32 -8.77 -16.79
N GLU B 41 -7.40 -9.08 -16.06
CA GLU B 41 -8.67 -9.32 -16.75
C GLU B 41 -9.11 -8.07 -17.50
N GLN B 42 -8.98 -6.89 -16.88
CA GLN B 42 -9.39 -5.67 -17.56
C GLN B 42 -8.46 -5.33 -18.72
N LYS B 43 -7.20 -5.73 -18.67
CA LYS B 43 -6.31 -5.57 -19.82
C LYS B 43 -6.82 -6.41 -20.98
N ILE B 44 -7.19 -7.66 -20.71
CA ILE B 44 -7.77 -8.50 -21.75
C ILE B 44 -9.07 -7.86 -22.26
N LEU B 45 -9.87 -7.30 -21.35
CA LEU B 45 -11.12 -6.65 -21.74
C LEU B 45 -10.85 -5.48 -22.69
N ALA B 46 -9.90 -4.61 -22.33
CA ALA B 46 -9.59 -3.47 -23.17
C ALA B 46 -9.06 -3.92 -24.51
N SER B 47 -8.21 -4.94 -24.53
CA SER B 47 -7.69 -5.44 -25.80
C SER B 47 -8.82 -5.97 -26.67
N LYS B 48 -9.76 -6.73 -26.09
CA LYS B 48 -10.84 -7.28 -26.91
C LYS B 48 -11.76 -6.20 -27.42
N MET B 49 -12.06 -5.18 -26.60
CA MET B 49 -12.88 -4.08 -27.11
C MET B 49 -12.15 -3.31 -28.20
N LEU B 50 -10.83 -3.09 -28.04
CA LEU B 50 -10.08 -2.39 -29.07
C LEU B 50 -10.08 -3.17 -30.38
N LYS B 55 -14.23 1.90 -29.35
CA LYS B 55 -13.29 2.89 -28.83
C LYS B 55 -13.78 3.46 -27.51
N ALA B 56 -15.09 3.69 -27.38
CA ALA B 56 -15.64 4.07 -26.08
C ALA B 56 -15.47 2.93 -25.07
N GLY B 57 -15.69 1.69 -25.51
CA GLY B 57 -15.43 0.55 -24.64
C GLY B 57 -13.96 0.47 -24.26
N ALA B 58 -13.07 0.77 -25.21
CA ALA B 58 -11.66 0.83 -24.89
C ALA B 58 -11.37 1.90 -23.84
N ARG B 59 -11.99 3.06 -23.98
CA ARG B 59 -11.84 4.12 -22.98
C ARG B 59 -12.29 3.63 -21.61
N GLN B 60 -13.45 2.98 -21.56
CA GLN B 60 -13.99 2.53 -20.27
C GLN B 60 -13.10 1.48 -19.63
N ALA B 61 -12.68 0.49 -20.42
CA ALA B 61 -11.80 -0.55 -19.88
C ALA B 61 -10.47 0.02 -19.43
N LEU B 62 -9.92 0.97 -20.20
CA LEU B 62 -8.68 1.61 -19.80
C LEU B 62 -8.86 2.38 -18.50
N LYS B 63 -9.99 3.08 -18.35
CA LYS B 63 -10.23 3.81 -17.11
C LYS B 63 -10.30 2.85 -15.93
N ARG B 64 -11.02 1.74 -16.08
CA ARG B 64 -11.16 0.80 -14.98
C ARG B 64 -9.81 0.18 -14.61
N ARG B 65 -9.11 -0.35 -15.62
CA ARG B 65 -7.80 -0.92 -15.34
C ARG B 65 -6.83 0.12 -14.83
N ALA B 66 -7.02 1.40 -15.16
CA ALA B 66 -6.15 2.44 -14.65
C ALA B 66 -6.43 2.71 -13.18
N VAL B 67 -7.71 2.68 -12.80
CA VAL B 67 -8.03 2.74 -11.37
C VAL B 67 -7.38 1.58 -10.65
N PHE B 68 -7.48 0.37 -11.22
CA PHE B 68 -6.84 -0.78 -10.60
C PHE B 68 -5.33 -0.62 -10.56
N MET B 69 -4.74 -0.05 -11.61
CA MET B 69 -3.30 0.15 -11.65
C MET B 69 -2.85 1.14 -10.60
N LYS B 70 -3.58 2.24 -10.42
CA LYS B 70 -3.24 3.18 -9.36
C LYS B 70 -3.38 2.52 -8.00
N ARG B 71 -4.45 1.76 -7.80
CA ARG B 71 -4.59 1.02 -6.54
C ARG B 71 -3.36 0.13 -6.32
N LEU B 72 -2.96 -0.58 -7.36
CA LEU B 72 -1.83 -1.51 -7.24
C LEU B 72 -0.54 -0.76 -6.97
N ASN B 73 -0.37 0.42 -7.56
CA ASN B 73 0.86 1.18 -7.35
C ASN B 73 0.95 1.69 -5.92
N THR B 74 -0.13 2.27 -5.41
CA THR B 74 -0.12 2.69 -4.01
C THR B 74 0.04 1.49 -3.09
N VAL B 75 -0.55 0.35 -3.44
CA VAL B 75 -0.35 -0.88 -2.68
C VAL B 75 1.12 -1.30 -2.67
N HIS B 76 1.77 -1.25 -3.84
CA HIS B 76 3.18 -1.63 -3.91
C HIS B 76 4.03 -0.68 -3.06
N ASN B 77 3.76 0.62 -3.17
CA ASN B 77 4.52 1.59 -2.39
C ASN B 77 4.28 1.40 -0.90
N THR B 78 3.03 1.13 -0.51
CA THR B 78 2.72 0.93 0.91
C THR B 78 3.40 -0.31 1.45
N ALA B 79 3.43 -1.40 0.66
CA ALA B 79 4.17 -2.58 1.09
C ALA B 79 5.64 -2.27 1.26
N MET B 80 6.22 -1.53 0.30
CA MET B 80 7.60 -1.10 0.45
C MET B 80 7.79 -0.32 1.74
N ASN B 81 6.86 0.60 2.04
CA ASN B 81 7.00 1.44 3.21
C ASN B 81 6.90 0.63 4.49
N LEU B 82 5.98 -0.32 4.56
CA LEU B 82 5.84 -1.11 5.78
C LEU B 82 7.05 -2.02 5.98
N GLN B 83 7.55 -2.63 4.90
CA GLN B 83 8.77 -3.42 5.02
C GLN B 83 9.94 -2.55 5.46
N ALA B 84 10.05 -1.34 4.91
CA ALA B 84 11.09 -0.42 5.32
C ALA B 84 10.94 -0.04 6.78
N GLN B 85 9.70 0.06 7.26
CA GLN B 85 9.48 0.40 8.67
C GLN B 85 9.93 -0.73 9.57
N ILE B 86 9.59 -1.97 9.22
CA ILE B 86 10.04 -3.11 10.02
C ILE B 86 11.56 -3.16 10.02
N ASP B 87 12.16 -3.01 8.84
CA ASP B 87 13.62 -2.98 8.75
C ASP B 87 14.18 -1.81 9.56
N SER B 88 13.44 -0.72 9.64
CA SER B 88 13.89 0.43 10.44
C SER B 88 13.86 0.08 11.93
N ILE B 89 12.86 -0.69 12.36
CA ILE B 89 12.85 -1.15 13.75
C ILE B 89 14.07 -2.02 14.03
N GLN B 90 14.33 -2.98 13.13
CA GLN B 90 15.48 -3.85 13.33
C GLN B 90 16.79 -3.07 13.31
N THR B 91 16.92 -2.12 12.39
CA THR B 91 18.14 -1.31 12.34
C THR B 91 18.21 -0.35 13.50
N ALA B 92 17.08 0.02 14.10
CA ALA B 92 17.11 0.82 15.33
C ALA B 92 17.71 0.01 16.47
N THR B 93 17.28 -1.24 16.60
CA THR B 93 17.93 -2.13 17.56
C THR B 93 19.41 -2.27 17.25
N SER B 94 19.74 -2.45 15.97
CA SER B 94 21.13 -2.64 15.57
C SER B 94 21.97 -1.42 15.93
N THR B 95 21.47 -0.22 15.63
CA THR B 95 22.23 0.98 15.93
C THR B 95 22.30 1.24 17.42
N ALA B 96 21.28 0.85 18.19
CA ALA B 96 21.41 0.90 19.63
C ALA B 96 22.57 0.04 20.10
N GLU B 97 22.67 -1.18 19.58
CA GLU B 97 23.80 -2.03 19.93
C GLU B 97 25.12 -1.42 19.47
N THR B 98 25.14 -0.83 18.27
CA THR B 98 26.37 -0.25 17.76
C THR B 98 26.82 0.93 18.62
N VAL B 99 25.90 1.79 19.03
CA VAL B 99 26.26 2.93 19.84
C VAL B 99 26.69 2.48 21.23
N LYS B 100 26.08 1.41 21.74
CA LYS B 100 26.57 0.82 22.99
C LYS B 100 28.02 0.36 22.83
N ALA B 101 28.29 -0.39 21.77
CA ALA B 101 29.64 -0.93 21.57
C ALA B 101 30.65 0.19 21.33
N MET B 102 30.23 1.26 20.65
CA MET B 102 31.15 2.36 20.37
C MET B 102 31.29 3.31 21.55
N GLU B 103 30.32 3.33 22.48
CA GLU B 103 30.60 3.89 23.81
C GLU B 103 31.64 3.06 24.54
N LEU B 104 31.53 1.73 24.47
CA LEU B 104 32.53 0.87 25.08
C LEU B 104 33.91 1.16 24.49
N GLY B 105 33.97 1.30 23.17
CA GLY B 105 35.21 1.69 22.53
C GLY B 105 35.71 3.03 23.02
N THR B 106 34.80 3.99 23.16
CA THR B 106 35.17 5.29 23.71
C THR B 106 35.88 5.12 25.04
N LYS B 107 35.26 4.39 25.96
CA LYS B 107 35.82 4.29 27.31
C LYS B 107 37.14 3.55 27.30
N VAL B 108 37.25 2.46 26.54
CA VAL B 108 38.48 1.68 26.57
C VAL B 108 39.64 2.46 25.96
N VAL B 109 39.41 3.11 24.80
CA VAL B 109 40.49 3.86 24.18
C VAL B 109 40.86 5.07 25.03
N GLY B 110 39.86 5.70 25.66
CA GLY B 110 40.17 6.77 26.58
C GLY B 110 41.03 6.30 27.74
N ALA C 17 -48.19 -1.24 11.23
CA ALA C 17 -48.39 -0.25 10.18
C ALA C 17 -47.71 -0.65 8.90
N LEU C 18 -46.48 -1.17 8.98
CA LEU C 18 -45.77 -1.62 7.78
C LEU C 18 -46.49 -2.77 7.11
N ALA C 19 -46.93 -3.76 7.90
CA ALA C 19 -47.64 -4.90 7.34
C ALA C 19 -48.95 -4.46 6.69
N THR C 20 -49.69 -3.57 7.36
CA THR C 20 -50.92 -3.06 6.78
C THR C 20 -50.65 -2.23 5.53
N LEU C 21 -49.52 -1.53 5.48
CA LEU C 21 -49.16 -0.82 4.26
C LEU C 21 -48.92 -1.78 3.11
N LYS C 22 -48.23 -2.88 3.38
CA LYS C 22 -48.05 -3.89 2.34
C LYS C 22 -49.39 -4.46 1.90
N GLY C 23 -50.27 -4.74 2.86
CA GLY C 23 -51.59 -5.24 2.51
C GLY C 23 -52.40 -4.26 1.69
N GLN C 24 -52.28 -2.96 2.00
CA GLN C 24 -53.01 -1.96 1.25
C GLN C 24 -52.43 -1.78 -0.14
N GLN C 25 -51.12 -1.94 -0.30
CA GLN C 25 -50.54 -1.95 -1.64
C GLN C 25 -51.05 -3.14 -2.43
N ASN C 26 -51.18 -4.30 -1.78
CA ASN C 26 -51.79 -5.45 -2.44
C ASN C 26 -53.23 -5.13 -2.83
N ARG C 27 -53.95 -4.40 -1.97
CA ARG C 27 -55.31 -3.97 -2.30
C ARG C 27 -55.31 -3.05 -3.52
N LEU C 28 -54.32 -2.16 -3.60
CA LEU C 28 -54.18 -1.32 -4.78
C LEU C 28 -53.98 -2.16 -6.03
N GLN C 29 -53.14 -3.20 -5.92
CA GLN C 29 -52.95 -4.10 -7.06
C GLN C 29 -54.26 -4.79 -7.44
N ALA C 30 -55.03 -5.23 -6.45
CA ALA C 30 -56.30 -5.88 -6.73
C ALA C 30 -57.25 -4.91 -7.45
N GLU C 31 -57.32 -3.67 -6.96
CA GLU C 31 -58.17 -2.68 -7.61
C GLU C 31 -57.68 -2.41 -9.02
N ALA C 32 -56.37 -2.41 -9.23
CA ALA C 32 -55.83 -2.17 -10.57
C ALA C 32 -56.19 -3.30 -11.52
N ARG C 33 -56.09 -4.55 -11.07
CA ARG C 33 -56.48 -5.66 -11.94
C ARG C 33 -57.97 -5.61 -12.24
N ASN C 34 -58.79 -5.28 -11.24
CA ASN C 34 -60.21 -5.12 -11.49
C ASN C 34 -60.47 -4.00 -12.49
N LEU C 35 -59.71 -2.91 -12.39
CA LEU C 35 -59.92 -1.77 -13.28
C LEU C 35 -59.51 -2.10 -14.71
N GLU C 36 -58.42 -2.85 -14.90
CA GLU C 36 -58.05 -3.23 -16.25
C GLU C 36 -59.04 -4.23 -16.82
N ARG C 37 -59.58 -5.12 -15.99
CA ARG C 37 -60.66 -5.99 -16.45
C ARG C 37 -61.86 -5.16 -16.89
N GLN C 38 -62.21 -4.14 -16.11
CA GLN C 38 -63.32 -3.27 -16.47
C GLN C 38 -63.04 -2.52 -17.75
N SER C 39 -61.80 -2.07 -17.95
CA SER C 39 -61.44 -1.38 -19.19
C SER C 39 -61.56 -2.30 -20.39
N ASP C 40 -61.14 -3.56 -20.25
CA ASP C 40 -61.33 -4.52 -21.32
C ASP C 40 -62.81 -4.72 -21.61
N GLU C 41 -63.62 -4.83 -20.56
CA GLU C 41 -65.06 -4.96 -20.75
C GLU C 41 -65.64 -3.75 -21.47
N GLN C 42 -65.18 -2.55 -21.11
CA GLN C 42 -65.68 -1.34 -21.75
C GLN C 42 -65.25 -1.25 -23.21
N LYS C 43 -64.03 -1.70 -23.52
CA LYS C 43 -63.61 -1.76 -24.91
C LYS C 43 -64.49 -2.72 -25.69
N ILE C 44 -64.79 -3.88 -25.10
CA ILE C 44 -65.70 -4.83 -25.76
C ILE C 44 -67.05 -4.19 -25.99
N PHE C 68 -62.14 4.89 -16.29
CA PHE C 68 -61.63 3.70 -15.65
C PHE C 68 -60.11 3.59 -15.81
N MET C 69 -59.60 3.95 -16.99
CA MET C 69 -58.16 3.97 -17.20
C MET C 69 -57.48 4.98 -16.28
N LYS C 70 -58.10 6.15 -16.11
CA LYS C 70 -57.55 7.13 -15.17
C LYS C 70 -57.54 6.59 -13.75
N ARG C 71 -58.62 5.91 -13.34
CA ARG C 71 -58.68 5.32 -12.01
C ARG C 71 -57.59 4.26 -11.84
N LEU C 72 -57.39 3.42 -12.85
CA LEU C 72 -56.33 2.43 -12.79
C LEU C 72 -54.97 3.10 -12.70
N ASN C 73 -54.75 4.16 -13.48
CA ASN C 73 -53.48 4.87 -13.46
C ASN C 73 -53.21 5.41 -12.07
N THR C 74 -54.20 6.07 -11.45
CA THR C 74 -53.97 6.64 -10.13
C THR C 74 -53.80 5.55 -9.07
N VAL C 75 -54.51 4.43 -9.19
CA VAL C 75 -54.30 3.33 -8.25
C VAL C 75 -52.87 2.80 -8.36
N HIS C 76 -52.40 2.61 -9.60
CA HIS C 76 -51.03 2.15 -9.79
C HIS C 76 -50.03 3.17 -9.27
N ASN C 77 -50.31 4.46 -9.47
CA ASN C 77 -49.42 5.48 -8.93
C ASN C 77 -49.39 5.45 -7.41
N THR C 78 -50.54 5.23 -6.78
CA THR C 78 -50.57 5.09 -5.33
C THR C 78 -49.71 3.91 -4.89
N ALA C 79 -49.87 2.78 -5.56
CA ALA C 79 -49.08 1.59 -5.20
C ALA C 79 -47.59 1.86 -5.38
N MET C 80 -47.21 2.48 -6.50
CA MET C 80 -45.80 2.76 -6.76
C MET C 80 -45.23 3.76 -5.77
N ASN C 81 -46.00 4.79 -5.43
CA ASN C 81 -45.52 5.78 -4.46
C ASN C 81 -45.34 5.15 -3.09
N LEU C 82 -46.28 4.30 -2.67
CA LEU C 82 -46.13 3.64 -1.38
C LEU C 82 -44.95 2.67 -1.41
N GLN C 83 -44.74 2.00 -2.55
CA GLN C 83 -43.57 1.14 -2.70
C GLN C 83 -42.28 1.93 -2.55
N ALA C 84 -42.20 3.08 -3.23
CA ALA C 84 -41.02 3.92 -3.11
C ALA C 84 -40.83 4.41 -1.68
N GLN C 85 -41.93 4.77 -1.02
CA GLN C 85 -41.84 5.20 0.37
C GLN C 85 -41.27 4.10 1.27
N ILE C 86 -41.80 2.88 1.14
CA ILE C 86 -41.32 1.79 1.98
C ILE C 86 -39.87 1.46 1.65
N ASP C 87 -39.51 1.49 0.37
CA ASP C 87 -38.12 1.24 -0.01
C ASP C 87 -37.20 2.29 0.61
N SER C 88 -37.57 3.56 0.51
CA SER C 88 -36.74 4.63 1.03
C SER C 88 -36.61 4.53 2.54
N ILE C 89 -37.70 4.25 3.25
CA ILE C 89 -37.64 4.17 4.70
C ILE C 89 -36.81 2.97 5.13
N GLN C 90 -36.94 1.84 4.43
CA GLN C 90 -36.12 0.68 4.77
C GLN C 90 -34.64 0.97 4.53
N THR C 91 -34.32 1.62 3.41
CA THR C 91 -32.93 1.97 3.13
C THR C 91 -32.39 2.91 4.21
N ALA C 92 -33.16 3.92 4.56
CA ALA C 92 -32.72 4.88 5.57
C ALA C 92 -32.55 4.20 6.92
N THR C 93 -33.46 3.29 7.29
CA THR C 93 -33.36 2.61 8.57
C THR C 93 -32.12 1.72 8.63
N SER C 94 -31.87 0.95 7.56
CA SER C 94 -30.68 0.11 7.54
C SER C 94 -29.41 0.95 7.58
N THR C 95 -29.38 2.04 6.81
CA THR C 95 -28.22 2.92 6.82
C THR C 95 -28.00 3.51 8.21
N ALA C 96 -29.09 3.96 8.86
CA ALA C 96 -28.96 4.53 10.19
C ALA C 96 -28.44 3.51 11.19
N GLU C 97 -28.97 2.28 11.14
CA GLU C 97 -28.52 1.26 12.07
C GLU C 97 -27.03 0.95 11.87
N THR C 98 -26.62 0.71 10.62
CA THR C 98 -25.23 0.34 10.38
C THR C 98 -24.29 1.51 10.70
N VAL C 99 -24.67 2.74 10.36
CA VAL C 99 -23.80 3.87 10.64
C VAL C 99 -23.75 4.14 12.13
N LYS C 100 -24.85 3.90 12.86
CA LYS C 100 -24.80 4.05 14.32
C LYS C 100 -23.86 3.01 14.93
N ALA C 101 -23.92 1.78 14.44
CA ALA C 101 -23.03 0.74 14.96
C ALA C 101 -21.56 1.13 14.68
N MET C 102 -21.28 1.59 13.47
CA MET C 102 -19.91 2.00 13.15
C MET C 102 -19.50 3.25 13.91
N GLU C 103 -20.44 4.14 14.22
CA GLU C 103 -20.10 5.33 14.98
C GLU C 103 -19.82 4.98 16.43
N LEU C 104 -20.53 3.99 16.98
CA LEU C 104 -20.15 3.47 18.28
C LEU C 104 -18.77 2.84 18.22
N GLY C 105 -18.47 2.12 17.13
CA GLY C 105 -17.14 1.55 16.97
C GLY C 105 -16.05 2.61 16.96
N THR C 106 -16.24 3.67 16.17
CA THR C 106 -15.22 4.71 16.09
C THR C 106 -15.18 5.54 17.37
N LYS C 107 -16.30 5.64 18.09
CA LYS C 107 -16.28 6.27 19.41
C LYS C 107 -15.43 5.48 20.38
N VAL C 124 8.07 10.91 20.03
CA VAL C 124 8.75 9.68 19.61
C VAL C 124 9.15 9.77 18.15
N MET C 125 8.23 10.26 17.31
CA MET C 125 8.56 10.49 15.90
C MET C 125 9.79 11.38 15.78
N ASP C 126 9.80 12.50 16.51
CA ASP C 126 10.90 13.43 16.43
C ASP C 126 12.22 12.75 16.83
N SER C 127 12.22 12.05 17.96
CA SER C 127 13.44 11.42 18.45
C SER C 127 13.95 10.38 17.45
N VAL C 128 13.06 9.50 16.99
CA VAL C 128 13.48 8.43 16.08
C VAL C 128 14.01 9.04 14.79
N MET C 129 13.30 10.02 14.23
CA MET C 129 13.73 10.62 12.98
C MET C 129 15.09 11.27 13.13
N GLU C 130 15.28 12.05 14.19
CA GLU C 130 16.56 12.76 14.37
C GLU C 130 17.70 11.77 14.55
N GLN C 131 17.53 10.80 15.45
CA GLN C 131 18.62 9.86 15.72
C GLN C 131 18.95 9.05 14.48
N ARG C 132 17.93 8.57 13.76
CA ARG C 132 18.19 7.78 12.57
C ARG C 132 18.90 8.62 11.51
N ASP C 133 18.47 9.87 11.32
CA ASP C 133 19.09 10.70 10.28
C ASP C 133 20.55 10.97 10.60
N GLN C 134 20.86 11.37 11.83
CA GLN C 134 22.24 11.68 12.17
C GLN C 134 23.11 10.42 12.13
N ILE C 135 22.60 9.30 12.64
CA ILE C 135 23.38 8.07 12.61
C ILE C 135 23.60 7.62 11.17
N GLU C 136 22.60 7.79 10.31
CA GLU C 136 22.75 7.46 8.91
C GLU C 136 23.83 8.32 8.26
N MET C 137 23.82 9.62 8.55
CA MET C 137 24.85 10.49 8.00
C MET C 137 26.24 10.04 8.46
N MET C 138 26.39 9.74 9.74
CA MET C 138 27.72 9.38 10.26
C MET C 138 28.19 8.05 9.69
N THR C 139 27.30 7.05 9.60
CA THR C 139 27.72 5.75 9.07
C THR C 139 28.01 5.85 7.57
N GLU C 140 27.26 6.69 6.85
CA GLU C 140 27.59 6.92 5.44
C GLU C 140 28.98 7.55 5.31
N ALA C 141 29.30 8.52 6.17
CA ALA C 141 30.64 9.07 6.18
C ALA C 141 31.68 8.00 6.47
N LEU C 142 31.35 7.06 7.36
CA LEU C 142 32.26 5.94 7.61
C LEU C 142 32.50 5.11 6.35
N SER C 143 31.42 4.60 5.75
CA SER C 143 31.59 3.80 4.54
C SER C 143 32.38 4.56 3.49
N ASP C 144 32.20 5.87 3.44
CA ASP C 144 32.84 6.73 2.45
C ASP C 144 34.32 6.42 2.30
N PRO C 145 34.76 5.89 1.16
CA PRO C 145 36.18 5.85 0.84
C PRO C 145 36.66 7.02 -0.01
N SER C 146 35.81 8.03 -0.23
CA SER C 146 36.21 9.18 -1.03
C SER C 146 37.45 9.84 -0.46
N ALA D 17 24.80 -9.13 23.46
CA ALA D 17 24.86 -8.12 22.41
C ALA D 17 25.67 -8.63 21.21
N LEU D 18 26.75 -9.37 21.48
CA LEU D 18 27.55 -9.93 20.39
C LEU D 18 26.72 -10.90 19.56
N ALA D 19 25.94 -11.76 20.22
CA ALA D 19 25.08 -12.69 19.50
C ALA D 19 24.02 -11.96 18.71
N THR D 20 23.44 -10.90 19.29
CA THR D 20 22.47 -10.09 18.57
C THR D 20 23.10 -9.49 17.31
N LEU D 21 24.32 -8.97 17.44
CA LEU D 21 25.00 -8.40 16.28
C LEU D 21 25.30 -9.46 15.24
N LYS D 22 25.70 -10.66 15.67
CA LYS D 22 25.96 -11.74 14.72
C LYS D 22 24.70 -12.12 13.96
N GLY D 23 23.57 -12.24 14.68
CA GLY D 23 22.32 -12.53 14.01
C GLY D 23 21.92 -11.45 13.03
N GLN D 24 22.11 -10.18 13.42
CA GLN D 24 21.82 -9.07 12.53
C GLN D 24 22.71 -9.12 11.29
N GLN D 25 23.98 -9.48 11.48
CA GLN D 25 24.89 -9.62 10.34
C GLN D 25 24.42 -10.72 9.40
N ASN D 26 24.00 -11.86 9.95
CA ASN D 26 23.49 -12.93 9.11
C ASN D 26 22.24 -12.47 8.37
N ARG D 27 21.38 -11.72 9.05
CA ARG D 27 20.18 -11.20 8.40
C ARG D 27 20.56 -10.27 7.24
N LEU D 28 21.55 -9.42 7.44
CA LEU D 28 22.00 -8.54 6.37
C LEU D 28 22.58 -9.34 5.22
N GLN D 29 23.30 -10.43 5.53
CA GLN D 29 23.84 -11.26 4.46
C GLN D 29 22.72 -11.89 3.64
N ALA D 30 21.68 -12.40 4.32
CA ALA D 30 20.54 -12.96 3.59
C ALA D 30 19.84 -11.87 2.76
N GLU D 31 19.71 -10.68 3.34
CA GLU D 31 19.13 -9.56 2.60
C GLU D 31 19.93 -9.27 1.34
N ALA D 32 21.26 -9.26 1.45
CA ALA D 32 22.10 -9.02 0.29
C ALA D 32 21.96 -10.14 -0.74
N ARG D 33 21.84 -11.39 -0.27
CA ARG D 33 21.65 -12.49 -1.19
C ARG D 33 20.36 -12.33 -1.97
N ASN D 34 19.27 -11.99 -1.28
CA ASN D 34 18.01 -11.79 -1.98
C ASN D 34 18.09 -10.60 -2.93
N LEU D 35 18.77 -9.53 -2.52
CA LEU D 35 18.89 -8.36 -3.37
C LEU D 35 19.67 -8.67 -4.64
N GLU D 36 20.78 -9.39 -4.52
CA GLU D 36 21.53 -9.77 -5.72
C GLU D 36 20.73 -10.75 -6.57
N ARG D 37 19.93 -11.60 -5.93
CA ARG D 37 19.09 -12.54 -6.69
C ARG D 37 18.08 -11.80 -7.54
N GLN D 38 17.34 -10.86 -6.93
CA GLN D 38 16.36 -10.10 -7.70
C GLN D 38 17.04 -9.19 -8.71
N SER D 39 18.22 -8.65 -8.39
CA SER D 39 18.97 -7.87 -9.38
C SER D 39 19.34 -8.73 -10.58
N ASP D 40 19.77 -9.98 -10.33
CA ASP D 40 20.08 -10.88 -11.42
C ASP D 40 18.84 -11.18 -12.26
N GLU D 41 17.70 -11.38 -11.61
CA GLU D 41 16.47 -11.63 -12.35
C GLU D 41 16.14 -10.43 -13.25
N GLN D 42 16.24 -9.22 -12.69
CA GLN D 42 15.93 -8.03 -13.46
C GLN D 42 16.92 -7.83 -14.61
N LYS D 43 18.21 -8.07 -14.37
CA LYS D 43 19.19 -7.85 -15.43
C LYS D 43 19.05 -8.88 -16.53
N ILE D 44 18.73 -10.13 -16.18
CA ILE D 44 18.50 -11.12 -17.23
C ILE D 44 17.24 -10.77 -18.00
N LEU D 45 16.21 -10.25 -17.32
CA LEU D 45 15.06 -9.72 -18.04
C LEU D 45 15.48 -8.63 -19.02
N ALA D 46 16.32 -7.71 -18.57
CA ALA D 46 16.77 -6.62 -19.43
C ALA D 46 17.52 -7.16 -20.65
N SER D 47 18.40 -8.13 -20.43
CA SER D 47 19.14 -8.72 -21.53
C SER D 47 18.19 -9.39 -22.53
N LYS D 48 17.24 -10.17 -22.01
CA LYS D 48 16.30 -10.85 -22.90
C LYS D 48 15.49 -9.86 -23.71
N MET D 49 15.02 -8.78 -23.08
CA MET D 49 14.17 -7.83 -23.79
C MET D 49 14.97 -6.99 -24.77
N LEU D 50 16.22 -6.65 -24.45
CA LEU D 50 17.07 -5.97 -25.44
C LEU D 50 17.32 -6.89 -26.62
N LYS D 51 17.58 -8.17 -26.37
CA LYS D 51 17.64 -9.13 -27.47
C LYS D 51 16.34 -9.13 -28.26
N ALA D 58 13.57 -2.01 -22.17
CA ALA D 58 14.95 -2.20 -21.72
C ALA D 58 15.34 -1.12 -20.73
N ARG D 59 15.03 0.13 -21.04
CA ARG D 59 15.36 1.24 -20.13
C ARG D 59 14.58 1.13 -18.83
N GLN D 60 13.30 0.73 -18.91
CA GLN D 60 12.50 0.61 -17.69
C GLN D 60 13.06 -0.49 -16.78
N ALA D 61 13.32 -1.67 -17.33
CA ALA D 61 13.92 -2.74 -16.54
C ALA D 61 15.30 -2.36 -16.06
N LEU D 62 16.03 -1.55 -16.84
CA LEU D 62 17.33 -1.06 -16.41
C LEU D 62 17.18 -0.18 -15.17
N LYS D 63 16.17 0.69 -15.17
CA LYS D 63 15.91 1.51 -13.99
C LYS D 63 15.55 0.65 -12.79
N ARG D 64 14.71 -0.37 -13.00
CA ARG D 64 14.33 -1.25 -11.90
C ARG D 64 15.55 -1.95 -11.32
N ARG D 65 16.33 -2.60 -12.18
CA ARG D 65 17.52 -3.30 -11.72
C ARG D 65 18.53 -2.33 -11.10
N ALA D 66 18.57 -1.09 -11.58
CA ALA D 66 19.47 -0.10 -10.98
C ALA D 66 19.01 0.26 -9.58
N VAL D 67 17.70 0.39 -9.37
CA VAL D 67 17.18 0.62 -8.03
C VAL D 67 17.56 -0.53 -7.11
N PHE D 68 17.35 -1.76 -7.59
CA PHE D 68 17.70 -2.93 -6.79
C PHE D 68 19.20 -3.00 -6.56
N MET D 69 19.99 -2.55 -7.52
CA MET D 69 21.45 -2.52 -7.38
C MET D 69 21.88 -1.50 -6.33
N LYS D 70 21.24 -0.33 -6.32
CA LYS D 70 21.50 0.63 -5.26
C LYS D 70 21.19 0.00 -3.90
N ARG D 71 20.06 -0.68 -3.79
CA ARG D 71 19.71 -1.33 -2.53
C ARG D 71 20.74 -2.39 -2.16
N LEU D 72 21.16 -3.19 -3.14
CA LEU D 72 22.10 -4.28 -2.89
C LEU D 72 23.45 -3.74 -2.41
N ASN D 73 24.00 -2.75 -3.12
CA ASN D 73 25.27 -2.18 -2.70
C ASN D 73 25.14 -1.47 -1.36
N THR D 74 23.99 -0.85 -1.10
CA THR D 74 23.76 -0.25 0.22
C THR D 74 23.85 -1.31 1.30
N VAL D 75 23.14 -2.43 1.14
CA VAL D 75 23.17 -3.48 2.14
C VAL D 75 24.56 -4.09 2.25
N HIS D 76 25.28 -4.19 1.13
CA HIS D 76 26.67 -4.61 1.18
C HIS D 76 27.49 -3.70 2.06
N ASN D 77 27.30 -2.39 1.91
CA ASN D 77 28.01 -1.44 2.75
C ASN D 77 27.62 -1.60 4.21
N THR D 78 26.34 -1.82 4.48
CA THR D 78 25.91 -2.04 5.87
C THR D 78 26.61 -3.26 6.47
N ALA D 79 26.61 -4.38 5.74
CA ALA D 79 27.23 -5.59 6.27
C ALA D 79 28.73 -5.39 6.47
N MET D 80 29.39 -4.77 5.49
CA MET D 80 30.82 -4.50 5.62
C MET D 80 31.11 -3.62 6.81
N ASN D 81 30.29 -2.57 7.00
CA ASN D 81 30.50 -1.66 8.12
C ASN D 81 30.27 -2.36 9.45
N LEU D 82 29.24 -3.21 9.54
CA LEU D 82 28.99 -3.93 10.78
C LEU D 82 30.12 -4.90 11.11
N GLN D 83 30.61 -5.62 10.10
CA GLN D 83 31.72 -6.54 10.33
C GLN D 83 32.95 -5.76 10.78
N ALA D 84 33.30 -4.69 10.07
CA ALA D 84 34.42 -3.86 10.47
C ALA D 84 34.17 -3.24 11.84
N GLN D 85 32.91 -3.04 12.21
CA GLN D 85 32.60 -2.45 13.51
C GLN D 85 32.88 -3.43 14.65
N ILE D 86 32.42 -4.66 14.51
CA ILE D 86 32.71 -5.65 15.56
C ILE D 86 34.21 -5.91 15.61
N ASP D 87 34.86 -5.99 14.43
CA ASP D 87 36.30 -6.09 14.40
C ASP D 87 36.94 -4.91 15.11
N SER D 88 36.39 -3.72 14.92
CA SER D 88 36.96 -2.51 15.49
C SER D 88 36.83 -2.50 17.00
N ILE D 89 35.71 -2.99 17.53
CA ILE D 89 35.56 -2.99 18.99
C ILE D 89 36.51 -4.01 19.62
N GLN D 90 36.59 -5.22 19.04
CA GLN D 90 37.54 -6.19 19.59
C GLN D 90 38.96 -5.67 19.47
N THR D 91 39.31 -5.10 18.31
CA THR D 91 40.63 -4.51 18.12
C THR D 91 40.85 -3.34 19.06
N ALA D 92 39.78 -2.60 19.41
CA ALA D 92 39.92 -1.49 20.33
C ALA D 92 40.32 -2.00 21.70
N THR D 93 39.65 -3.04 22.19
CA THR D 93 40.07 -3.64 23.46
C THR D 93 41.52 -4.09 23.38
N SER D 94 41.84 -4.89 22.36
CA SER D 94 43.19 -5.46 22.27
C SER D 94 44.24 -4.37 22.15
N THR D 95 44.02 -3.40 21.27
CA THR D 95 45.00 -2.35 21.04
C THR D 95 45.11 -1.41 22.23
N ALA D 96 44.00 -1.12 22.90
CA ALA D 96 44.11 -0.37 24.14
C ALA D 96 45.09 -1.07 25.06
N GLU D 97 44.90 -2.37 25.27
CA GLU D 97 45.84 -3.13 26.10
C GLU D 97 47.28 -2.97 25.59
N THR D 98 47.47 -3.24 24.29
CA THR D 98 48.82 -3.29 23.74
C THR D 98 49.51 -1.93 23.84
N VAL D 99 48.97 -0.94 23.12
CA VAL D 99 49.61 0.37 23.06
C VAL D 99 49.59 1.07 24.41
N LYS D 100 48.79 0.58 25.38
CA LYS D 100 49.03 0.97 26.76
C LYS D 100 50.34 0.38 27.25
N ALA D 101 50.55 -0.92 27.02
CA ALA D 101 51.78 -1.56 27.47
C ALA D 101 52.99 -0.89 26.84
N MET D 102 52.93 -0.57 25.55
CA MET D 102 54.02 0.14 24.90
C MET D 102 54.27 1.48 25.57
N GLU D 103 53.21 2.24 25.82
CA GLU D 103 53.33 3.57 26.39
C GLU D 103 53.04 3.52 27.89
N ALA E 17 45.80 -13.51 26.84
CA ALA E 17 45.72 -12.35 25.96
C ALA E 17 46.59 -12.55 24.73
N LEU E 18 47.78 -13.12 24.91
CA LEU E 18 48.63 -13.45 23.76
C LEU E 18 47.90 -14.38 22.80
N ALA E 19 47.22 -15.39 23.34
CA ALA E 19 46.47 -16.31 22.49
C ALA E 19 45.34 -15.59 21.76
N THR E 20 44.65 -14.68 22.45
CA THR E 20 43.57 -13.92 21.79
C THR E 20 44.12 -13.10 20.64
N LEU E 21 45.24 -12.42 20.85
CA LEU E 21 45.82 -11.61 19.79
C LEU E 21 46.34 -12.48 18.65
N LYS E 22 46.89 -13.66 18.98
CA LYS E 22 47.33 -14.58 17.94
C LYS E 22 46.14 -15.06 17.10
N GLY E 23 45.03 -15.38 17.75
CA GLY E 23 43.84 -15.73 17.00
C GLY E 23 43.35 -14.58 16.13
N GLN E 24 43.42 -13.36 16.66
CA GLN E 24 42.99 -12.20 15.87
C GLN E 24 43.87 -12.02 14.63
N GLN E 25 45.18 -12.16 14.79
CA GLN E 25 46.04 -12.03 13.61
C GLN E 25 45.80 -13.17 12.65
N ASN E 26 45.55 -14.39 13.17
CA ASN E 26 45.16 -15.50 12.29
C ASN E 26 43.92 -15.13 11.48
N ARG E 27 42.95 -14.50 12.12
CA ARG E 27 41.78 -14.02 11.39
C ARG E 27 42.19 -13.02 10.32
N LEU E 28 43.15 -12.16 10.64
CA LEU E 28 43.62 -11.19 9.65
C LEU E 28 44.26 -11.88 8.45
N GLN E 29 45.08 -12.90 8.68
CA GLN E 29 45.67 -13.61 7.54
C GLN E 29 44.60 -14.39 6.78
N ALA E 30 43.57 -14.87 7.47
CA ALA E 30 42.45 -15.49 6.76
C ALA E 30 41.79 -14.49 5.83
N GLU E 31 41.55 -13.27 6.31
CA GLU E 31 41.01 -12.22 5.46
C GLU E 31 41.94 -11.94 4.29
N ALA E 32 43.25 -11.88 4.55
CA ALA E 32 44.21 -11.59 3.49
C ALA E 32 44.22 -12.70 2.43
N ARG E 33 44.16 -13.95 2.87
CA ARG E 33 44.14 -15.06 1.92
C ARG E 33 42.86 -15.05 1.09
N ASN E 34 41.72 -14.79 1.72
CA ASN E 34 40.49 -14.70 0.94
C ASN E 34 40.54 -13.53 -0.02
N LEU E 35 41.17 -12.43 0.38
CA LEU E 35 41.34 -11.29 -0.53
C LEU E 35 42.25 -11.67 -1.70
N GLU E 36 43.30 -12.45 -1.44
CA GLU E 36 44.15 -12.93 -2.53
C GLU E 36 43.36 -13.81 -3.48
N ARG E 37 42.53 -14.70 -2.93
CA ARG E 37 41.65 -15.51 -3.75
C ARG E 37 40.75 -14.64 -4.60
N GLN E 38 40.19 -13.58 -4.02
CA GLN E 38 39.28 -12.72 -4.75
C GLN E 38 40.01 -11.93 -5.84
N SER E 39 41.23 -11.49 -5.56
CA SER E 39 42.03 -10.81 -6.58
C SER E 39 42.32 -11.74 -7.75
N ASP E 40 42.67 -13.00 -7.45
CA ASP E 40 42.86 -13.97 -8.52
C ASP E 40 41.57 -14.22 -9.27
N GLU E 41 40.43 -14.21 -8.56
CA GLU E 41 39.14 -14.34 -9.22
C GLU E 41 38.91 -13.19 -10.19
N GLN E 42 39.24 -11.97 -9.78
CA GLN E 42 39.11 -10.83 -10.68
C GLN E 42 40.04 -10.98 -11.88
N LYS E 43 41.26 -11.47 -11.65
CA LYS E 43 42.18 -11.70 -12.76
C LYS E 43 41.59 -12.67 -13.77
N ILE E 44 41.07 -13.80 -13.29
CA ILE E 44 40.55 -14.82 -14.20
C ILE E 44 39.28 -14.32 -14.88
N LEU E 45 38.45 -13.56 -14.17
CA LEU E 45 37.26 -12.99 -14.79
C LEU E 45 37.65 -12.03 -15.91
N ALA E 46 38.66 -11.19 -15.67
CA ALA E 46 39.13 -10.29 -16.71
C ALA E 46 39.69 -11.06 -17.89
N SER E 47 40.44 -12.14 -17.62
CA SER E 47 40.98 -12.95 -18.71
C SER E 47 39.85 -13.57 -19.53
N LYS E 48 38.83 -14.09 -18.85
CA LYS E 48 37.69 -14.66 -19.56
C LYS E 48 36.97 -13.62 -20.40
N LYS E 63 39.96 -2.51 -12.72
CA LYS E 63 39.77 -1.45 -11.73
C LYS E 63 39.26 -2.02 -10.41
N ARG E 64 38.26 -2.90 -10.49
CA ARG E 64 37.75 -3.53 -9.28
C ARG E 64 38.83 -4.36 -8.59
N ARG E 65 39.65 -5.05 -9.38
CA ARG E 65 40.75 -5.83 -8.83
C ARG E 65 41.75 -4.94 -8.13
N ALA E 66 42.05 -3.78 -8.70
CA ALA E 66 42.96 -2.84 -8.04
C ALA E 66 42.36 -2.36 -6.72
N VAL E 67 41.07 -2.03 -6.70
CA VAL E 67 40.44 -1.58 -5.47
C VAL E 67 40.50 -2.68 -4.41
N PHE E 68 40.19 -3.91 -4.80
CA PHE E 68 40.20 -5.00 -3.84
C PHE E 68 41.63 -5.36 -3.44
N MET E 69 42.60 -5.11 -4.30
CA MET E 69 43.99 -5.25 -3.93
C MET E 69 44.38 -4.21 -2.89
N LYS E 70 43.85 -2.99 -3.01
CA LYS E 70 44.06 -2.00 -1.97
C LYS E 70 43.45 -2.48 -0.65
N ARG E 71 42.26 -3.09 -0.72
CA ARG E 71 41.66 -3.67 0.48
C ARG E 71 42.57 -4.74 1.08
N LEU E 72 43.12 -5.60 0.22
CA LEU E 72 44.06 -6.61 0.68
C LEU E 72 45.27 -5.96 1.33
N ASN E 73 45.73 -4.83 0.80
CA ASN E 73 46.84 -4.11 1.40
C ASN E 73 46.47 -3.62 2.79
N THR E 74 45.25 -3.11 2.96
CA THR E 74 44.81 -2.70 4.29
C THR E 74 44.83 -3.88 5.25
N VAL E 75 44.29 -5.01 4.82
CA VAL E 75 44.23 -6.18 5.70
C VAL E 75 45.63 -6.65 6.04
N HIS E 76 46.52 -6.69 5.04
CA HIS E 76 47.90 -7.10 5.28
C HIS E 76 48.59 -6.14 6.25
N ASN E 77 48.37 -4.83 6.09
CA ASN E 77 48.96 -3.87 7.00
C ASN E 77 48.44 -4.06 8.42
N THR E 78 47.14 -4.33 8.56
CA THR E 78 46.61 -4.63 9.88
C THR E 78 47.30 -5.84 10.47
N ALA E 79 47.48 -6.89 9.67
CA ALA E 79 48.14 -8.10 10.15
C ALA E 79 49.58 -7.79 10.57
N MET E 80 50.29 -7.00 9.77
CA MET E 80 51.68 -6.68 10.08
C MET E 80 51.78 -5.86 11.36
N ASN E 81 50.91 -4.86 11.53
CA ASN E 81 50.92 -4.08 12.76
C ASN E 81 50.57 -4.96 13.95
N LEU E 82 49.61 -5.87 13.79
CA LEU E 82 49.25 -6.79 14.86
C LEU E 82 50.43 -7.67 15.23
N GLN E 83 51.17 -8.15 14.23
CA GLN E 83 52.36 -8.96 14.50
C GLN E 83 53.43 -8.15 15.21
N ALA E 84 53.63 -6.90 14.79
CA ALA E 84 54.63 -6.07 15.43
C ALA E 84 54.29 -5.83 16.90
N GLN E 85 53.02 -5.51 17.18
CA GLN E 85 52.63 -5.32 18.57
C GLN E 85 52.67 -6.64 19.34
N ILE E 86 52.46 -7.76 18.66
CA ILE E 86 52.64 -9.06 19.30
C ILE E 86 54.09 -9.24 19.73
N ASP E 87 55.02 -8.87 18.86
CA ASP E 87 56.43 -8.94 19.22
C ASP E 87 56.73 -8.03 20.39
N SER E 88 56.17 -6.82 20.38
CA SER E 88 56.37 -5.90 21.49
C SER E 88 55.82 -6.49 22.79
N ILE E 89 54.67 -7.15 22.72
CA ILE E 89 54.11 -7.80 23.90
C ILE E 89 55.05 -8.91 24.39
N GLN E 90 55.56 -9.72 23.46
CA GLN E 90 56.49 -10.77 23.84
C GLN E 90 57.70 -10.18 24.56
N THR E 91 58.21 -9.06 24.06
CA THR E 91 59.35 -8.42 24.72
C THR E 91 58.96 -7.92 26.11
N ALA E 92 57.88 -7.15 26.20
CA ALA E 92 57.54 -6.49 27.46
C ALA E 92 57.16 -7.50 28.53
N THR E 93 56.24 -8.41 28.22
CA THR E 93 55.81 -9.40 29.19
C THR E 93 56.98 -10.27 29.65
N SER E 94 57.83 -10.69 28.71
CA SER E 94 58.99 -11.50 29.03
C SER E 94 59.92 -10.75 29.97
N ASP F 133 -33.90 14.92 9.01
CA ASP F 133 -33.04 16.06 9.34
C ASP F 133 -31.75 15.59 10.00
N GLN F 134 -31.87 15.12 11.25
CA GLN F 134 -30.69 14.61 11.95
C GLN F 134 -30.03 13.50 11.15
N ILE F 135 -30.84 12.65 10.51
CA ILE F 135 -30.29 11.59 9.67
C ILE F 135 -29.46 12.18 8.54
N GLU F 136 -30.00 13.20 7.86
CA GLU F 136 -29.26 13.84 6.79
C GLU F 136 -27.98 14.49 7.29
N MET F 137 -28.04 15.06 8.49
CA MET F 137 -26.86 15.72 9.05
C MET F 137 -25.78 14.69 9.39
N MET F 138 -26.18 13.53 9.89
CA MET F 138 -25.25 12.40 10.02
C MET F 138 -24.65 12.01 8.68
N THR F 139 -25.47 11.93 7.63
CA THR F 139 -24.91 11.58 6.32
C THR F 139 -23.85 12.58 5.89
N GLU F 140 -24.19 13.88 5.95
CA GLU F 140 -23.25 14.90 5.52
C GLU F 140 -21.99 14.89 6.37
N ALA F 141 -22.13 14.72 7.69
CA ALA F 141 -20.98 14.74 8.57
C ALA F 141 -20.08 13.54 8.33
N LEU F 142 -20.65 12.35 8.21
CA LEU F 142 -19.90 11.10 8.09
C LEU F 142 -19.51 10.79 6.65
N SER F 143 -19.80 11.67 5.70
CA SER F 143 -19.22 11.49 4.36
C SER F 143 -17.72 11.30 4.46
N ASP F 144 -17.05 12.08 5.30
CA ASP F 144 -15.62 12.01 5.58
C ASP F 144 -14.81 11.62 4.33
N PRO F 145 -14.82 12.46 3.30
CA PRO F 145 -14.03 12.13 2.09
C PRO F 145 -12.56 11.87 2.41
N SER F 146 -11.96 12.66 3.30
CA SER F 146 -10.57 12.39 3.69
C SER F 146 -10.40 10.94 4.10
N LEU F 147 -11.37 10.40 4.84
CA LEU F 147 -11.38 8.98 5.14
C LEU F 147 -11.51 8.14 3.87
N SER F 148 -12.38 8.55 2.96
CA SER F 148 -12.76 7.74 1.80
C SER F 148 -12.58 8.56 0.52
N GLU F 149 -11.64 8.11 -0.32
CA GLU F 149 -11.31 8.78 -1.59
C GLU F 149 -11.37 10.30 -1.48
N GLY F 150 -10.72 10.84 -0.45
CA GLY F 150 -10.58 12.29 -0.33
C GLY F 150 -9.14 12.72 -0.27
N PHE F 154 -6.87 12.70 -8.53
CA PHE F 154 -6.46 13.39 -9.73
C PHE F 154 -6.49 12.41 -10.88
N GLU F 155 -6.59 12.94 -12.10
CA GLU F 155 -6.65 12.10 -13.30
C GLU F 155 -5.74 12.70 -14.36
N ASP F 156 -5.29 11.84 -15.27
CA ASP F 156 -4.41 12.24 -16.36
C ASP F 156 -4.92 11.59 -17.65
N ASP F 157 -5.67 12.37 -18.44
CA ASP F 157 -6.17 11.84 -19.71
C ASP F 157 -5.03 11.55 -20.69
N ALA F 158 -3.89 12.24 -20.53
CA ALA F 158 -2.77 11.99 -21.41
C ALA F 158 -2.23 10.57 -21.24
N ALA F 159 -2.14 10.09 -20.00
CA ALA F 159 -1.65 8.75 -19.76
C ALA F 159 -2.55 7.70 -20.39
N ILE F 160 -3.86 7.85 -20.21
CA ILE F 160 -4.78 6.88 -20.79
C ILE F 160 -4.76 6.96 -22.32
N ASP F 161 -4.58 8.16 -22.87
CA ASP F 161 -4.51 8.30 -24.33
C ASP F 161 -3.27 7.61 -24.88
N GLU F 162 -2.10 7.85 -24.26
CA GLU F 162 -0.89 7.21 -24.73
C GLU F 162 -0.94 5.70 -24.53
N GLN F 163 -1.64 5.23 -23.49
CA GLN F 163 -1.80 3.80 -23.32
C GLN F 163 -2.76 3.21 -24.36
N LEU F 164 -3.79 3.96 -24.75
CA LEU F 164 -4.59 3.56 -25.90
C LEU F 164 -3.72 3.41 -27.14
N ALA F 165 -2.86 4.39 -27.39
CA ALA F 165 -1.98 4.33 -28.55
C ALA F 165 -1.03 3.15 -28.46
N GLN F 166 -0.49 2.88 -27.27
CA GLN F 166 0.41 1.75 -27.08
C GLN F 166 -0.31 0.43 -27.34
N LEU F 167 -1.54 0.29 -26.84
CA LEU F 167 -2.30 -0.93 -27.08
C LEU F 167 -2.60 -1.09 -28.57
N GLU F 168 -2.97 0.00 -29.24
CA GLU F 168 -3.23 -0.06 -30.67
C GLU F 168 -1.98 -0.49 -31.43
N ALA F 169 -0.82 0.07 -31.08
CA ALA F 169 0.42 -0.32 -31.73
C ALA F 169 0.73 -1.78 -31.47
N GLU F 170 0.52 -2.25 -30.24
CA GLU F 170 0.70 -3.66 -29.95
C GLU F 170 -0.18 -4.52 -30.85
N MET F 171 -1.46 -4.18 -30.96
CA MET F 171 -2.34 -4.88 -31.88
C MET F 171 -1.94 -4.63 -33.32
N ASP F 172 -1.56 -3.39 -33.64
CA ASP F 172 -1.17 -3.04 -35.01
C ASP F 172 0.02 -3.88 -35.47
N ASP G 14 -18.67 -3.36 17.27
CA ASP G 14 -18.06 -2.92 16.01
C ASP G 14 -18.09 -4.03 14.97
N ALA G 15 -17.90 -5.28 15.40
CA ALA G 15 -18.06 -6.40 14.49
C ALA G 15 -19.50 -6.49 14.00
N ASP G 16 -20.46 -6.20 14.88
CA ASP G 16 -21.86 -6.13 14.45
C ASP G 16 -22.05 -5.03 13.41
N ALA G 17 -21.40 -3.88 13.63
CA ALA G 17 -21.45 -2.81 12.64
C ALA G 17 -20.92 -3.28 11.30
N LEU G 18 -19.79 -3.98 11.32
CA LEU G 18 -19.18 -4.47 10.09
C LEU G 18 -20.11 -5.45 9.38
N ALA G 19 -20.69 -6.39 10.14
CA ALA G 19 -21.58 -7.38 9.55
C ALA G 19 -22.84 -6.73 8.99
N THR G 20 -23.41 -5.76 9.70
CA THR G 20 -24.59 -5.06 9.21
C THR G 20 -24.26 -4.28 7.94
N LEU G 21 -23.11 -3.63 7.90
CA LEU G 21 -22.70 -2.92 6.69
C LEU G 21 -22.54 -3.89 5.52
N LYS G 22 -21.93 -5.05 5.78
CA LYS G 22 -21.77 -6.04 4.72
C LYS G 22 -23.12 -6.55 4.23
N GLY G 23 -24.05 -6.78 5.16
CA GLY G 23 -25.38 -7.22 4.76
C GLY G 23 -26.11 -6.17 3.94
N GLN G 24 -26.02 -4.91 4.35
CA GLN G 24 -26.61 -3.84 3.57
C GLN G 24 -25.96 -3.72 2.20
N GLN G 25 -24.65 -3.99 2.13
CA GLN G 25 -23.97 -3.99 0.84
C GLN G 25 -24.49 -5.11 -0.04
N ASN G 26 -24.68 -6.30 0.52
CA ASN G 26 -25.27 -7.39 -0.25
C ASN G 26 -26.70 -7.04 -0.66
N ARG G 27 -27.43 -6.29 0.17
CA ARG G 27 -28.74 -5.81 -0.21
C ARG G 27 -28.64 -4.88 -1.41
N LEU G 28 -27.65 -3.98 -1.41
CA LEU G 28 -27.42 -3.12 -2.56
C LEU G 28 -27.10 -3.94 -3.79
N GLN G 29 -26.29 -4.99 -3.63
CA GLN G 29 -25.95 -5.84 -4.77
C GLN G 29 -27.17 -6.56 -5.31
N ALA G 30 -28.02 -7.06 -4.42
CA ALA G 30 -29.27 -7.67 -4.88
C ALA G 30 -30.14 -6.66 -5.60
N GLU G 31 -30.19 -5.43 -5.08
CA GLU G 31 -30.95 -4.39 -5.75
C GLU G 31 -30.40 -4.09 -7.14
N ALA G 32 -29.07 -4.09 -7.27
CA ALA G 32 -28.46 -3.87 -8.58
C ALA G 32 -28.73 -5.03 -9.53
N ARG G 33 -28.69 -6.27 -9.02
CA ARG G 33 -29.05 -7.41 -9.84
C ARG G 33 -30.47 -7.28 -10.35
N ASN G 34 -31.40 -6.92 -9.45
CA ASN G 34 -32.74 -6.61 -9.88
C ASN G 34 -32.70 -5.56 -10.98
N LEU G 35 -32.12 -4.40 -10.69
CA LEU G 35 -32.15 -3.29 -11.63
C LEU G 35 -31.69 -3.72 -13.01
N GLU G 36 -30.59 -4.47 -13.09
CA GLU G 36 -30.11 -4.91 -14.40
C GLU G 36 -31.10 -5.88 -15.03
N ARG G 37 -31.73 -6.73 -14.23
CA ARG G 37 -32.76 -7.61 -14.78
C ARG G 37 -33.88 -6.78 -15.42
N GLN G 38 -34.46 -5.85 -14.65
CA GLN G 38 -35.55 -5.05 -15.22
C GLN G 38 -35.06 -4.22 -16.39
N SER G 39 -33.78 -3.83 -16.42
CA SER G 39 -33.26 -3.18 -17.60
C SER G 39 -33.33 -4.11 -18.80
N ASP G 40 -33.02 -5.39 -18.59
CA ASP G 40 -33.18 -6.37 -19.66
C ASP G 40 -34.61 -6.41 -20.15
N GLU G 41 -35.57 -6.57 -19.22
CA GLU G 41 -36.96 -6.63 -19.66
C GLU G 41 -37.41 -5.32 -20.31
N GLN G 42 -36.91 -4.18 -19.85
CA GLN G 42 -37.28 -2.92 -20.48
C GLN G 42 -36.72 -2.82 -21.89
N LYS G 43 -35.49 -3.28 -22.11
CA LYS G 43 -34.96 -3.31 -23.47
C LYS G 43 -35.82 -4.20 -24.36
N ILE G 44 -36.18 -5.38 -23.86
CA ILE G 44 -37.00 -6.29 -24.64
C ILE G 44 -38.37 -5.66 -24.91
N LEU G 45 -38.96 -5.01 -23.91
CA LEU G 45 -40.26 -4.38 -24.07
C LEU G 45 -40.20 -3.24 -25.09
N ALA G 46 -39.14 -2.44 -25.04
CA ALA G 46 -38.99 -1.36 -26.01
C ALA G 46 -38.87 -1.93 -27.43
N SER G 47 -38.09 -3.01 -27.58
CA SER G 47 -37.95 -3.62 -28.90
C SER G 47 -39.29 -4.16 -29.38
N LYS G 48 -40.04 -4.82 -28.50
CA LYS G 48 -41.33 -5.38 -28.89
C LYS G 48 -42.32 -4.28 -29.26
N MET G 49 -42.32 -3.18 -28.49
CA MET G 49 -43.20 -2.06 -28.80
C MET G 49 -42.83 -1.42 -30.13
N ALA G 58 -42.71 2.49 -26.72
CA ALA G 58 -41.26 2.38 -26.81
C ALA G 58 -40.59 3.53 -26.06
N ARG G 59 -41.13 4.74 -26.17
CA ARG G 59 -40.56 5.87 -25.46
C ARG G 59 -40.69 5.69 -23.95
N GLN G 60 -41.82 5.16 -23.49
CA GLN G 60 -41.99 4.93 -22.05
C GLN G 60 -41.01 3.87 -21.56
N ALA G 61 -40.84 2.79 -22.31
CA ALA G 61 -39.84 1.79 -21.95
C ALA G 61 -38.44 2.40 -21.95
N LEU G 62 -38.19 3.33 -22.86
CA LEU G 62 -36.91 4.03 -22.88
C LEU G 62 -36.73 4.85 -21.60
N LYS G 63 -37.78 5.56 -21.19
CA LYS G 63 -37.75 6.27 -19.91
C LYS G 63 -37.37 5.32 -18.78
N ARG G 64 -38.09 4.20 -18.69
CA ARG G 64 -37.90 3.33 -17.54
C ARG G 64 -36.52 2.70 -17.55
N ARG G 65 -36.03 2.29 -18.73
CA ARG G 65 -34.69 1.70 -18.80
C ARG G 65 -33.61 2.73 -18.51
N ALA G 66 -33.82 4.00 -18.90
CA ALA G 66 -32.85 5.03 -18.54
C ALA G 66 -32.81 5.22 -17.03
N VAL G 67 -33.98 5.24 -16.40
CA VAL G 67 -34.03 5.32 -14.94
C VAL G 67 -33.30 4.12 -14.33
N PHE G 68 -33.53 2.93 -14.89
CA PHE G 68 -32.84 1.74 -14.40
C PHE G 68 -31.34 1.87 -14.55
N MET G 69 -30.88 2.40 -15.68
CA MET G 69 -29.45 2.55 -15.92
C MET G 69 -28.82 3.51 -14.91
N LYS G 70 -29.48 4.64 -14.66
CA LYS G 70 -28.95 5.57 -13.67
C LYS G 70 -28.99 4.97 -12.27
N ARG G 71 -30.03 4.21 -11.95
CA ARG G 71 -30.08 3.54 -10.65
C ARG G 71 -28.94 2.53 -10.52
N LEU G 72 -28.66 1.80 -11.60
CA LEU G 72 -27.53 0.87 -11.60
C LEU G 72 -26.23 1.60 -11.35
N ASN G 73 -26.03 2.73 -12.03
CA ASN G 73 -24.81 3.51 -11.80
C ASN G 73 -24.73 3.96 -10.35
N THR G 74 -25.84 4.42 -9.79
CA THR G 74 -25.82 4.89 -8.41
C THR G 74 -25.48 3.77 -7.44
N VAL G 75 -26.07 2.59 -7.64
CA VAL G 75 -25.79 1.47 -6.75
C VAL G 75 -24.34 1.03 -6.89
N HIS G 76 -23.82 1.05 -8.12
CA HIS G 76 -22.40 0.75 -8.32
C HIS G 76 -21.52 1.75 -7.58
N ASN G 77 -21.86 3.03 -7.66
CA ASN G 77 -21.10 4.04 -6.94
C ASN G 77 -21.15 3.81 -5.44
N THR G 78 -22.33 3.48 -4.92
CA THR G 78 -22.46 3.16 -3.50
C THR G 78 -21.57 1.98 -3.14
N ALA G 79 -21.58 0.94 -3.96
CA ALA G 79 -20.78 -0.24 -3.68
C ALA G 79 -19.29 0.11 -3.62
N MET G 80 -18.79 0.80 -4.65
CA MET G 80 -17.36 1.12 -4.68
C MET G 80 -16.99 2.04 -3.53
N ASN G 81 -17.80 3.06 -3.26
CA ASN G 81 -17.50 3.98 -2.18
C ASN G 81 -17.49 3.27 -0.84
N LEU G 82 -18.47 2.39 -0.59
CA LEU G 82 -18.53 1.70 0.69
C LEU G 82 -17.38 0.71 0.83
N GLN G 83 -16.99 0.06 -0.27
CA GLN G 83 -15.83 -0.82 -0.20
C GLN G 83 -14.57 -0.05 0.14
N ALA G 84 -14.36 1.10 -0.52
CA ALA G 84 -13.21 1.93 -0.19
C ALA G 84 -13.29 2.41 1.25
N GLN G 85 -14.49 2.71 1.74
CA GLN G 85 -14.66 3.24 3.08
C GLN G 85 -14.34 2.17 4.12
N ILE G 86 -14.79 0.93 3.91
CA ILE G 86 -14.48 -0.14 4.84
C ILE G 86 -13.00 -0.50 4.77
N ASP G 87 -12.41 -0.44 3.58
CA ASP G 87 -10.96 -0.65 3.47
C ASP G 87 -10.21 0.40 4.27
N SER G 88 -10.63 1.66 4.17
CA SER G 88 -10.03 2.70 4.98
C SER G 88 -10.23 2.42 6.47
N ILE G 89 -11.41 1.95 6.85
CA ILE G 89 -11.66 1.60 8.24
C ILE G 89 -10.62 0.60 8.71
N GLN G 90 -10.45 -0.48 7.96
CA GLN G 90 -9.57 -1.56 8.38
C GLN G 90 -8.12 -1.09 8.43
N THR G 91 -7.67 -0.40 7.38
CA THR G 91 -6.29 0.06 7.34
C THR G 91 -6.00 1.01 8.49
N ALA G 92 -6.88 2.00 8.70
CA ALA G 92 -6.65 2.97 9.76
C ALA G 92 -6.66 2.29 11.13
N THR G 93 -7.61 1.39 11.37
CA THR G 93 -7.68 0.72 12.66
C THR G 93 -6.40 -0.06 12.92
N SER G 94 -5.97 -0.88 11.96
CA SER G 94 -4.78 -1.69 12.15
C SER G 94 -3.56 -0.81 12.38
N THR G 95 -3.40 0.23 11.55
CA THR G 95 -2.22 1.09 11.66
C THR G 95 -2.19 1.81 13.00
N ALA G 96 -3.32 2.39 13.41
CA ALA G 96 -3.36 3.10 14.68
C ALA G 96 -3.10 2.15 15.84
N GLU G 97 -3.69 0.97 15.82
CA GLU G 97 -3.49 0.02 16.91
C GLU G 97 -2.03 -0.39 17.01
N THR G 98 -1.41 -0.72 15.88
CA THR G 98 -0.03 -1.21 15.93
C THR G 98 0.93 -0.09 16.28
N VAL G 99 0.73 1.11 15.72
CA VAL G 99 1.72 2.17 15.84
C VAL G 99 1.93 2.55 17.30
N LYS G 100 0.88 2.51 18.12
CA LYS G 100 1.06 2.86 19.53
C LYS G 100 2.16 2.01 20.16
N ALA G 101 2.04 0.68 20.04
CA ALA G 101 3.04 -0.21 20.61
C ALA G 101 4.38 -0.07 19.89
N MET G 102 4.33 0.14 18.57
CA MET G 102 5.56 0.32 17.81
C MET G 102 6.37 1.49 18.35
N GLU G 103 5.71 2.61 18.61
CA GLU G 103 6.41 3.79 19.06
C GLU G 103 6.73 3.72 20.55
N LEU G 104 5.95 2.95 21.31
CA LEU G 104 6.38 2.65 22.68
C LEU G 104 7.70 1.88 22.66
N GLY G 105 7.83 0.91 21.75
CA GLY G 105 9.07 0.17 21.64
C GLY G 105 10.23 1.05 21.23
N THR G 106 10.02 1.88 20.20
CA THR G 106 11.11 2.75 19.78
C THR G 106 11.41 3.83 20.82
N LYS G 107 10.45 4.15 21.68
CA LYS G 107 10.72 5.07 22.78
C LYS G 107 11.53 4.41 23.88
N VAL G 108 11.28 3.12 24.15
CA VAL G 108 12.17 2.37 25.04
C VAL G 108 13.56 2.33 24.44
N VAL G 109 13.66 2.20 23.12
CA VAL G 109 14.95 2.25 22.44
C VAL G 109 15.60 3.61 22.65
N GLY G 110 14.82 4.68 22.52
CA GLY G 110 15.36 6.02 22.78
C GLY G 110 15.82 6.18 24.22
N VAL G 128 38.66 7.24 16.10
CA VAL G 128 39.16 6.01 15.48
C VAL G 128 39.35 6.22 13.99
N MET G 129 38.47 7.01 13.36
CA MET G 129 38.64 7.29 11.94
C MET G 129 39.99 7.95 11.67
N GLU G 130 40.25 9.07 12.35
CA GLU G 130 41.52 9.76 12.13
C GLU G 130 42.70 8.91 12.58
N GLN G 131 42.53 8.15 13.66
CA GLN G 131 43.62 7.35 14.19
C GLN G 131 44.01 6.24 13.22
N ARG G 132 43.02 5.52 12.67
CA ARG G 132 43.33 4.55 11.64
C ARG G 132 44.06 5.23 10.50
N ASP G 133 43.49 6.32 9.98
CA ASP G 133 44.13 7.02 8.85
C ASP G 133 45.60 7.28 9.14
N GLN G 134 45.90 7.78 10.34
CA GLN G 134 47.28 8.10 10.68
C GLN G 134 48.13 6.83 10.75
N ILE G 135 47.60 5.75 11.34
CA ILE G 135 48.44 4.58 11.58
C ILE G 135 48.81 3.88 10.27
N GLU G 136 47.87 3.78 9.31
CA GLU G 136 48.27 3.05 8.09
C GLU G 136 49.50 3.70 7.45
N MET G 137 49.51 5.02 7.36
CA MET G 137 50.68 5.74 6.86
C MET G 137 51.63 6.07 8.00
N ARG H 132 -57.91 14.26 10.68
CA ARG H 132 -57.45 14.12 9.30
C ARG H 132 -56.42 15.19 8.97
N ASP H 133 -56.74 16.44 9.29
CA ASP H 133 -55.81 17.53 9.03
C ASP H 133 -54.48 17.30 9.74
N GLN H 134 -54.53 16.96 11.03
CA GLN H 134 -53.31 16.61 11.74
C GLN H 134 -52.69 15.35 11.16
N ILE H 135 -53.53 14.38 10.80
CA ILE H 135 -53.03 13.16 10.16
C ILE H 135 -52.37 13.51 8.85
N GLU H 136 -52.98 14.41 8.07
CA GLU H 136 -52.39 14.81 6.80
C GLU H 136 -51.04 15.49 7.02
N MET H 137 -50.93 16.36 8.03
CA MET H 137 -49.67 17.03 8.30
C MET H 137 -48.59 16.02 8.70
N MET H 138 -48.94 15.09 9.58
CA MET H 138 -47.98 14.06 9.97
C MET H 138 -47.54 13.22 8.78
N THR H 139 -48.49 12.80 7.94
CA THR H 139 -48.13 11.98 6.79
C THR H 139 -47.24 12.75 5.82
N GLU H 140 -47.56 14.02 5.59
CA GLU H 140 -46.72 14.84 4.72
C GLU H 140 -45.31 14.97 5.30
N ALA H 141 -45.20 15.11 6.61
CA ALA H 141 -43.88 15.16 7.24
C ALA H 141 -43.13 13.86 7.04
N LEU H 142 -43.82 12.72 7.19
CA LEU H 142 -43.15 11.43 7.07
C LEU H 142 -42.73 11.15 5.63
N SER H 143 -43.57 11.51 4.66
CA SER H 143 -43.32 11.21 3.25
C SER H 143 -42.37 12.21 2.60
N ASP H 144 -41.61 12.96 3.40
CA ASP H 144 -40.71 13.95 2.85
C ASP H 144 -39.72 13.31 1.89
N PRO H 145 -39.56 13.84 0.67
CA PRO H 145 -38.46 13.41 -0.19
C PRO H 145 -37.09 13.78 0.35
N SER H 146 -37.01 14.67 1.34
CA SER H 146 -35.72 15.01 1.93
C SER H 146 -35.03 13.79 2.50
N LEU H 147 -35.78 12.73 2.80
CA LEU H 147 -35.15 11.43 3.04
C LEU H 147 -34.22 11.08 1.90
N SER H 148 -34.62 11.39 0.67
CA SER H 148 -33.71 11.33 -0.46
C SER H 148 -32.65 12.42 -0.34
N GLU H 149 -31.43 12.09 -0.76
CA GLU H 149 -30.35 13.06 -0.66
C GLU H 149 -30.64 14.30 -1.50
N GLY H 150 -31.15 14.11 -2.70
CA GLY H 150 -31.43 15.24 -3.58
C GLY H 150 -32.32 14.83 -4.73
N ASP H 153 -32.37 15.36 -12.60
CA ASP H 153 -33.02 14.89 -13.82
C ASP H 153 -32.20 13.74 -14.40
N PHE H 154 -32.86 12.92 -15.22
CA PHE H 154 -32.20 11.72 -15.73
C PHE H 154 -31.30 12.06 -16.92
N GLU H 155 -31.87 12.58 -18.01
CA GLU H 155 -31.06 12.94 -19.17
C GLU H 155 -31.87 13.78 -20.16
N ASP H 156 -31.19 14.31 -21.16
CA ASP H 156 -31.82 15.14 -22.18
C ASP H 156 -32.50 14.26 -23.23
N ASP H 157 -33.47 14.84 -23.93
CA ASP H 157 -34.18 14.11 -24.97
C ASP H 157 -33.30 13.81 -26.18
N ALA H 158 -32.16 14.49 -26.33
CA ALA H 158 -31.25 14.18 -27.42
C ALA H 158 -30.73 12.76 -27.32
N ALA H 159 -30.24 12.38 -26.12
CA ALA H 159 -29.82 11.00 -25.91
C ALA H 159 -31.00 10.04 -26.05
N ILE H 160 -32.20 10.48 -25.69
CA ILE H 160 -33.38 9.64 -25.84
C ILE H 160 -33.60 9.29 -27.30
N ASP H 161 -33.58 10.30 -28.16
CA ASP H 161 -33.74 10.07 -29.60
C ASP H 161 -32.58 9.24 -30.14
N GLU H 162 -31.36 9.51 -29.69
CA GLU H 162 -30.21 8.74 -30.15
C GLU H 162 -30.39 7.25 -29.85
N GLN H 163 -30.78 6.93 -28.62
CA GLN H 163 -30.93 5.52 -28.24
C GLN H 163 -32.12 4.88 -28.94
N LEU H 164 -33.22 5.63 -29.11
CA LEU H 164 -34.36 5.09 -29.83
C LEU H 164 -33.99 4.76 -31.27
N ALA H 165 -33.28 5.66 -31.94
CA ALA H 165 -32.83 5.40 -33.30
C ALA H 165 -31.84 4.25 -33.34
#